data_4M5R
#
_entry.id   4M5R
#
_cell.length_a   87.246
_cell.length_b   102.978
_cell.length_c   66.226
_cell.angle_alpha   90.00
_cell.angle_beta   90.00
_cell.angle_gamma   90.00
#
_symmetry.space_group_name_H-M   'C 2 2 21'
#
loop_
_entity.id
_entity.type
_entity.pdbx_description
1 polymer 'Polymerase PA'
2 non-polymer 'MANGANESE (II) ION'
3 non-polymer 4-(1H-IMIDAZOL-1-YL)PHENOL
4 non-polymer 'SULFATE ION'
5 non-polymer 1,2-ETHANEDIOL
6 water water
#
_entity_poly.entity_id   1
_entity_poly.type   'polypeptide(L)'
_entity_poly.pdbx_seq_one_letter_code
;MAHHHHHHSRAWRHPQFGGHHHHHHALEVLFQGPLGSMEDFVRQCFNPMIVELAEKAMKEYGEDPKIETNKFAAICTHLE
VCFMYSDFHFIDERGESIIVESGDPNALLKHRFEIIEGRDRIMAWTVVNSICNTTGVEKPKFLPDLYDYKENRFIEIGVT
RREVHIYYLEKANKIKSEKTHIHIFSFTGEEMATKADYTLDEESRARIKTRLFTIRQEMASRSLWDSFRQSERGEETVEE
R
;
_entity_poly.pdbx_strand_id   A
#
loop_
_chem_comp.id
_chem_comp.type
_chem_comp.name
_chem_comp.formula
EDO non-polymer 1,2-ETHANEDIOL 'C2 H6 O2'
MN non-polymer 'MANGANESE (II) ION' 'Mn 2'
MSR non-polymer 4-(1H-IMIDAZOL-1-YL)PHENOL 'C9 H8 N2 O'
SO4 non-polymer 'SULFATE ION' 'O4 S -2'
#
# COMPACT_ATOMS: atom_id res chain seq x y z
N GLY A 33 -16.73 -25.28 -6.22
CA GLY A 33 -17.57 -24.25 -6.90
C GLY A 33 -17.02 -23.87 -8.26
N PRO A 34 -17.73 -23.00 -8.99
CA PRO A 34 -17.28 -22.56 -10.32
C PRO A 34 -16.03 -21.71 -10.19
N LEU A 35 -15.09 -21.86 -11.12
CA LEU A 35 -13.92 -21.01 -11.15
C LEU A 35 -14.26 -19.66 -11.80
N GLY A 36 -14.14 -18.57 -11.04
CA GLY A 36 -14.32 -17.25 -11.61
C GLY A 36 -13.10 -16.73 -12.34
N SER A 37 -13.22 -15.58 -12.98
CA SER A 37 -12.04 -14.93 -13.54
C SER A 37 -11.53 -13.87 -12.58
N MET A 38 -10.22 -13.73 -12.54
CA MET A 38 -9.62 -12.68 -11.72
C MET A 38 -10.00 -11.29 -12.22
N GLU A 39 -10.15 -11.11 -13.52
CA GLU A 39 -10.65 -9.87 -14.07
C GLU A 39 -11.99 -9.45 -13.45
N ASP A 40 -12.96 -10.37 -13.42
CA ASP A 40 -14.25 -10.08 -12.78
C ASP A 40 -14.08 -9.74 -11.30
N PHE A 41 -13.24 -10.49 -10.60
CA PHE A 41 -13.00 -10.20 -9.20
C PHE A 41 -12.48 -8.78 -9.00
N VAL A 42 -11.47 -8.41 -9.76
CA VAL A 42 -10.85 -7.09 -9.59
C VAL A 42 -11.86 -5.99 -9.89
N ARG A 43 -12.62 -6.14 -10.98
CA ARG A 43 -13.59 -5.10 -11.31
C ARG A 43 -14.72 -5.00 -10.31
N GLN A 44 -15.05 -6.10 -9.67
CA GLN A 44 -16.17 -6.10 -8.72
C GLN A 44 -15.78 -5.72 -7.30
N CYS A 45 -14.54 -5.96 -6.87
N CYS A 45 -14.50 -5.89 -6.94
CA CYS A 45 -14.20 -5.66 -5.46
CA CYS A 45 -14.06 -5.79 -5.55
C CYS A 45 -13.28 -4.45 -5.28
C CYS A 45 -13.20 -4.54 -5.29
N PHE A 46 -12.73 -3.88 -6.35
CA PHE A 46 -11.96 -2.64 -6.23
C PHE A 46 -12.64 -1.44 -6.91
N ASN A 47 -12.50 -0.28 -6.29
CA ASN A 47 -12.99 0.97 -6.84
C ASN A 47 -12.45 1.19 -8.26
N PRO A 48 -13.26 1.73 -9.18
CA PRO A 48 -12.73 1.89 -10.53
C PRO A 48 -11.48 2.78 -10.63
N MET A 49 -11.32 3.75 -9.73
CA MET A 49 -10.12 4.57 -9.70
C MET A 49 -8.89 3.71 -9.44
N ILE A 50 -9.00 2.80 -8.47
CA ILE A 50 -7.89 1.93 -8.14
C ILE A 50 -7.56 1.00 -9.32
N VAL A 51 -8.59 0.44 -9.93
CA VAL A 51 -8.37 -0.48 -11.06
C VAL A 51 -7.67 0.27 -12.20
N GLU A 52 -8.11 1.47 -12.49
CA GLU A 52 -7.50 2.27 -13.55
C GLU A 52 -6.04 2.58 -13.25
N LEU A 53 -5.73 2.94 -12.00
CA LEU A 53 -4.35 3.21 -11.62
C LEU A 53 -3.47 1.96 -11.77
N ALA A 54 -3.98 0.81 -11.37
CA ALA A 54 -3.23 -0.44 -11.50
C ALA A 54 -2.96 -0.79 -12.97
N GLU A 55 -3.95 -0.60 -13.84
CA GLU A 55 -3.76 -0.82 -15.26
C GLU A 55 -2.64 0.08 -15.79
N LYS A 56 -2.64 1.32 -15.35
CA LYS A 56 -1.61 2.26 -15.78
C LYS A 56 -0.23 1.85 -15.31
N ALA A 57 -0.14 1.37 -14.06
CA ALA A 57 1.14 0.90 -13.54
C ALA A 57 1.69 -0.24 -14.37
N MET A 58 0.83 -1.20 -14.69
CA MET A 58 1.25 -2.34 -15.51
C MET A 58 1.65 -1.91 -16.91
N LYS A 59 0.88 -1.02 -17.54
CA LYS A 59 1.24 -0.50 -18.86
C LYS A 59 2.61 0.17 -18.84
N GLU A 60 2.86 0.93 -17.78
CA GLU A 60 4.09 1.70 -17.68
C GLU A 60 5.32 0.79 -17.68
N TYR A 61 5.16 -0.40 -17.11
CA TYR A 61 6.24 -1.39 -17.06
C TYR A 61 6.05 -2.57 -18.04
N GLY A 62 5.19 -2.36 -19.03
CA GLY A 62 5.12 -3.27 -20.16
C GLY A 62 4.44 -4.61 -19.89
N GLU A 63 3.51 -4.62 -18.95
CA GLU A 63 2.78 -5.84 -18.64
C GLU A 63 1.29 -5.69 -18.88
N ASP A 64 0.63 -6.79 -19.24
CA ASP A 64 -0.79 -6.72 -19.57
C ASP A 64 -1.62 -7.24 -18.43
N PRO A 65 -2.54 -6.42 -17.93
CA PRO A 65 -3.39 -6.86 -16.83
C PRO A 65 -4.27 -8.06 -17.18
N LYS A 66 -4.50 -8.35 -18.45
CA LYS A 66 -5.34 -9.49 -18.84
C LYS A 66 -4.56 -10.81 -18.95
N ILE A 67 -3.25 -10.73 -18.86
CA ILE A 67 -2.38 -11.90 -18.86
C ILE A 67 -1.75 -12.12 -17.47
N GLU A 68 -1.16 -11.08 -16.90
N GLU A 68 -1.14 -11.09 -16.90
CA GLU A 68 -0.57 -11.15 -15.57
CA GLU A 68 -0.57 -11.20 -15.56
C GLU A 68 -1.63 -10.78 -14.53
C GLU A 68 -1.61 -10.79 -14.53
N THR A 69 -2.64 -11.62 -14.42
CA THR A 69 -3.83 -11.27 -13.68
C THR A 69 -3.61 -11.33 -12.18
N ASN A 70 -2.76 -12.24 -11.71
CA ASN A 70 -2.47 -12.24 -10.26
C ASN A 70 -1.70 -10.99 -9.89
N LYS A 71 -0.75 -10.57 -10.73
CA LYS A 71 -0.02 -9.32 -10.47
C LYS A 71 -0.96 -8.14 -10.45
N PHE A 72 -1.91 -8.12 -11.36
CA PHE A 72 -2.93 -7.10 -11.42
C PHE A 72 -3.66 -6.97 -10.10
N ALA A 73 -4.16 -8.09 -9.58
CA ALA A 73 -4.88 -8.08 -8.30
C ALA A 73 -3.97 -7.67 -7.17
N ALA A 74 -2.69 -8.06 -7.23
CA ALA A 74 -1.74 -7.66 -6.18
C ALA A 74 -1.48 -6.15 -6.18
N ILE A 75 -1.39 -5.55 -7.36
CA ILE A 75 -1.19 -4.12 -7.48
C ILE A 75 -2.42 -3.36 -6.96
N CYS A 76 -3.62 -3.81 -7.32
CA CYS A 76 -4.85 -3.23 -6.80
C CYS A 76 -4.85 -3.27 -5.27
N THR A 77 -4.50 -4.43 -4.73
CA THR A 77 -4.49 -4.62 -3.29
C THR A 77 -3.50 -3.64 -2.63
N HIS A 78 -2.31 -3.54 -3.19
CA HIS A 78 -1.25 -2.66 -2.66
C HIS A 78 -1.67 -1.20 -2.71
N LEU A 79 -2.26 -0.78 -3.82
CA LEU A 79 -2.80 0.58 -3.93
C LEU A 79 -3.82 0.83 -2.85
N GLU A 80 -4.76 -0.09 -2.69
CA GLU A 80 -5.79 0.12 -1.69
C GLU A 80 -5.22 0.22 -0.28
N VAL A 81 -4.25 -0.63 0.04
CA VAL A 81 -3.67 -0.59 1.39
C VAL A 81 -2.95 0.73 1.60
N CYS A 82 -2.23 1.22 0.60
CA CYS A 82 -1.55 2.51 0.74
C CYS A 82 -2.56 3.65 0.98
N PHE A 83 -3.66 3.65 0.24
CA PHE A 83 -4.70 4.66 0.47
C PHE A 83 -5.33 4.49 1.86
N MET A 84 -5.60 3.26 2.28
CA MET A 84 -6.18 3.03 3.61
C MET A 84 -5.25 3.43 4.75
N TYR A 85 -3.96 3.28 4.52
CA TYR A 85 -2.95 3.63 5.50
C TYR A 85 -2.94 5.14 5.74
N SER A 86 -3.17 5.93 4.68
CA SER A 86 -3.15 7.39 4.82
C SER A 86 -4.51 8.00 5.19
N ASP A 87 -5.59 7.30 4.89
CA ASP A 87 -6.95 7.79 5.17
C ASP A 87 -7.12 8.23 6.62
N PHE A 88 -7.75 9.39 6.80
CA PHE A 88 -8.26 9.86 8.09
C PHE A 88 -7.20 10.45 8.98
N HIS A 89 -5.94 10.44 8.52
CA HIS A 89 -4.84 10.93 9.34
C HIS A 89 -4.43 12.35 8.96
N PHE A 90 -4.44 13.22 9.97
CA PHE A 90 -4.16 14.63 9.79
C PHE A 90 -3.19 15.10 10.84
N ILE A 91 -2.60 16.25 10.58
CA ILE A 91 -1.85 16.97 11.56
C ILE A 91 -2.66 18.22 11.90
N ASP A 92 -2.95 18.41 13.19
CA ASP A 92 -3.88 19.47 13.63
C ASP A 92 -3.21 20.84 13.76
N GLU A 93 -3.97 21.79 14.32
CA GLU A 93 -3.54 23.18 14.39
C GLU A 93 -2.35 23.39 15.30
N ARG A 94 -2.12 22.44 16.22
CA ARG A 94 -0.99 22.49 17.15
C ARG A 94 0.23 21.75 16.63
N GLY A 95 0.08 21.03 15.51
CA GLY A 95 1.16 20.27 14.93
C GLY A 95 1.16 18.81 15.33
N GLU A 96 0.10 18.37 16.01
CA GLU A 96 0.01 17.00 16.50
C GLU A 96 -0.80 16.13 15.54
N SER A 97 -0.50 14.84 15.50
CA SER A 97 -1.23 13.94 14.61
C SER A 97 -2.56 13.57 15.24
N ILE A 98 -3.61 13.57 14.43
CA ILE A 98 -4.95 13.20 14.84
C ILE A 98 -5.70 12.38 13.79
N ILE A 99 -6.77 11.74 14.23
CA ILE A 99 -7.60 10.90 13.35
C ILE A 99 -8.96 11.56 13.27
N VAL A 100 -9.42 11.76 12.04
CA VAL A 100 -10.72 12.34 11.75
C VAL A 100 -11.42 11.44 10.75
N GLU A 101 -12.41 10.69 11.21
CA GLU A 101 -13.07 9.72 10.35
C GLU A 101 -14.32 10.29 9.70
N SER A 102 -14.71 11.49 10.11
CA SER A 102 -15.83 12.18 9.48
C SER A 102 -15.41 12.67 8.11
N GLY A 103 -16.39 12.93 7.25
CA GLY A 103 -16.12 13.33 5.88
C GLY A 103 -15.48 14.70 5.75
N ASP A 104 -15.86 15.62 6.63
CA ASP A 104 -15.34 17.00 6.57
C ASP A 104 -14.29 17.25 7.64
N PRO A 105 -13.00 17.17 7.25
CA PRO A 105 -11.99 17.65 8.20
C PRO A 105 -12.03 19.17 8.27
N ASN A 106 -11.80 19.71 9.46
CA ASN A 106 -11.55 21.13 9.65
C ASN A 106 -10.55 21.64 8.58
N ALA A 107 -10.77 22.85 8.05
CA ALA A 107 -9.99 23.30 6.91
C ALA A 107 -8.54 23.66 7.24
N LEU A 108 -8.23 23.79 8.52
CA LEU A 108 -6.86 24.08 8.94
C LEU A 108 -6.01 22.82 9.08
N LEU A 109 -6.65 21.66 9.00
CA LEU A 109 -5.92 20.42 9.15
C LEU A 109 -5.05 20.16 7.92
N LYS A 110 -3.89 19.57 8.16
CA LYS A 110 -2.97 19.15 7.11
C LYS A 110 -3.02 17.63 6.99
N HIS A 111 -3.05 17.11 5.76
CA HIS A 111 -2.94 15.66 5.59
C HIS A 111 -1.61 15.20 6.14
N ARG A 112 -1.63 14.12 6.92
CA ARG A 112 -0.42 13.62 7.54
C ARG A 112 0.54 12.98 6.54
N PHE A 113 -0.01 12.32 5.52
CA PHE A 113 0.82 11.59 4.57
C PHE A 113 0.80 12.21 3.18
N GLU A 114 1.97 12.23 2.56
CA GLU A 114 2.09 12.41 1.13
C GLU A 114 2.01 11.02 0.50
N ILE A 115 1.19 10.88 -0.53
CA ILE A 115 1.05 9.61 -1.21
C ILE A 115 1.88 9.64 -2.50
N ILE A 116 2.86 8.74 -2.57
CA ILE A 116 3.78 8.66 -3.72
C ILE A 116 3.35 7.54 -4.68
N GLU A 117 2.88 6.46 -4.09
CA GLU A 117 2.28 5.36 -4.82
C GLU A 117 1.07 5.87 -5.61
N GLY A 118 0.81 5.26 -6.76
CA GLY A 118 -0.34 5.61 -7.55
C GLY A 118 -0.10 6.72 -8.56
N ARG A 119 1.17 7.07 -8.71
CA ARG A 119 1.57 8.15 -9.60
C ARG A 119 2.53 7.63 -10.65
N ASP A 120 2.49 8.21 -11.86
CA ASP A 120 3.43 7.82 -12.90
C ASP A 120 4.84 8.17 -12.44
N ARG A 121 5.84 7.59 -13.11
CA ARG A 121 7.19 7.67 -12.61
C ARG A 121 7.71 9.12 -12.58
N ILE A 122 7.34 9.94 -13.54
CA ILE A 122 7.84 11.33 -13.51
C ILE A 122 7.25 12.07 -12.32
N MET A 123 5.93 12.00 -12.15
CA MET A 123 5.29 12.70 -11.04
C MET A 123 5.68 12.15 -9.69
N ALA A 124 5.89 10.84 -9.59
CA ALA A 124 6.26 10.24 -8.29
C ALA A 124 7.62 10.78 -7.83
N TRP A 125 8.60 10.80 -8.73
CA TRP A 125 9.92 11.27 -8.40
C TRP A 125 9.95 12.77 -8.21
N THR A 126 9.04 13.47 -8.88
CA THR A 126 8.91 14.90 -8.69
C THR A 126 8.51 15.19 -7.24
N VAL A 127 7.56 14.40 -6.72
CA VAL A 127 7.09 14.54 -5.34
C VAL A 127 8.18 14.16 -4.34
N VAL A 128 8.85 13.05 -4.58
CA VAL A 128 9.95 12.59 -3.74
C VAL A 128 11.11 13.59 -3.67
N ASN A 129 11.67 13.94 -4.83
CA ASN A 129 12.86 14.78 -4.87
C ASN A 129 12.58 16.07 -4.15
N SER A 130 11.35 16.53 -4.31
CA SER A 130 10.88 17.73 -3.64
C SER A 130 11.01 17.62 -2.10
N ILE A 131 10.33 16.62 -1.54
CA ILE A 131 10.36 16.36 -0.12
C ILE A 131 11.80 16.27 0.36
N CYS A 132 12.66 15.62 -0.41
CA CYS A 132 14.05 15.42 -0.05
C CYS A 132 14.87 16.71 -0.02
N ASN A 133 14.66 17.56 -1.01
CA ASN A 133 15.34 18.84 -1.03
C ASN A 133 14.77 19.77 0.04
N THR A 134 13.50 19.58 0.37
CA THR A 134 12.80 20.44 1.31
C THR A 134 13.13 20.13 2.77
N THR A 135 12.88 18.89 3.16
CA THR A 135 13.00 18.48 4.55
C THR A 135 14.44 18.15 4.93
N GLY A 136 15.25 17.86 3.92
CA GLY A 136 16.62 17.45 4.13
C GLY A 136 16.76 15.94 4.16
N VAL A 137 15.63 15.26 4.35
CA VAL A 137 15.58 13.80 4.27
C VAL A 137 16.31 13.36 3.01
N GLU A 138 17.23 12.41 3.15
CA GLU A 138 18.01 11.88 2.02
C GLU A 138 17.11 11.26 0.96
N LYS A 139 17.64 11.10 -0.26
CA LYS A 139 16.86 10.51 -1.35
C LYS A 139 16.92 8.99 -1.40
N PRO A 140 15.76 8.35 -1.56
CA PRO A 140 15.75 6.89 -1.72
C PRO A 140 16.21 6.41 -3.09
N LYS A 141 16.74 5.19 -3.15
CA LYS A 141 17.13 4.54 -4.40
C LYS A 141 15.89 4.09 -5.18
N PHE A 142 14.89 3.60 -4.46
CA PHE A 142 13.63 3.14 -5.05
C PHE A 142 12.49 4.03 -4.60
N LEU A 143 11.46 4.15 -5.44
CA LEU A 143 10.28 4.93 -5.05
C LEU A 143 9.63 4.32 -3.81
N PRO A 144 9.52 5.10 -2.73
CA PRO A 144 8.70 4.64 -1.59
C PRO A 144 7.22 4.84 -1.86
N ASP A 145 6.36 4.49 -0.91
CA ASP A 145 4.93 4.55 -1.11
C ASP A 145 4.26 5.78 -0.50
N LEU A 146 4.75 6.19 0.68
CA LEU A 146 4.24 7.34 1.41
C LEU A 146 5.36 8.15 2.00
N TYR A 147 5.05 9.40 2.36
CA TYR A 147 5.88 10.18 3.28
C TYR A 147 5.04 10.59 4.46
N ASP A 148 5.60 10.35 5.65
CA ASP A 148 4.93 10.64 6.92
C ASP A 148 5.45 11.96 7.49
N TYR A 149 4.60 12.99 7.48
CA TYR A 149 5.00 14.29 7.99
C TYR A 149 5.05 14.35 9.50
N LYS A 150 4.47 13.38 10.20
CA LYS A 150 4.59 13.34 11.67
C LYS A 150 5.93 12.75 12.04
N GLU A 151 6.24 11.58 11.47
CA GLU A 151 7.46 10.85 11.82
C GLU A 151 8.65 11.29 10.97
N ASN A 152 8.39 12.16 9.99
CA ASN A 152 9.42 12.71 9.11
C ASN A 152 10.24 11.63 8.41
N ARG A 153 9.55 10.72 7.74
CA ARG A 153 10.21 9.64 7.02
C ARG A 153 9.36 9.09 5.90
N PHE A 154 10.04 8.54 4.90
CA PHE A 154 9.38 7.75 3.88
C PHE A 154 8.99 6.40 4.41
N ILE A 155 7.93 5.84 3.80
CA ILE A 155 7.42 4.52 4.17
C ILE A 155 7.28 3.65 2.93
N GLU A 156 7.76 2.43 3.06
CA GLU A 156 7.54 1.38 2.08
C GLU A 156 6.53 0.40 2.64
N ILE A 157 5.37 0.32 1.99
CA ILE A 157 4.30 -0.60 2.38
C ILE A 157 4.42 -1.86 1.57
N GLY A 158 4.40 -2.99 2.24
CA GLY A 158 4.42 -4.30 1.61
C GLY A 158 3.17 -5.07 1.96
N VAL A 159 2.67 -5.81 0.99
CA VAL A 159 1.55 -6.72 1.19
C VAL A 159 1.96 -8.08 0.64
N THR A 160 1.98 -9.11 1.49
CA THR A 160 2.52 -10.40 1.07
C THR A 160 1.56 -11.55 1.32
N ARG A 161 1.61 -12.51 0.41
CA ARG A 161 0.91 -13.78 0.52
C ARG A 161 1.81 -14.85 1.14
N ARG A 162 3.05 -14.47 1.42
CA ARG A 162 4.03 -15.32 2.10
C ARG A 162 4.21 -14.88 3.56
N GLU A 163 5.26 -15.37 4.22
CA GLU A 163 5.48 -15.05 5.61
C GLU A 163 6.10 -13.66 5.73
N VAL A 164 5.65 -12.86 6.70
CA VAL A 164 6.05 -11.45 6.72
C VAL A 164 7.54 -11.25 6.97
N HIS A 165 8.18 -12.12 7.76
CA HIS A 165 9.59 -11.94 8.04
C HIS A 165 10.43 -12.15 6.79
N ILE A 166 10.08 -13.16 6.00
CA ILE A 166 10.78 -13.40 4.73
C ILE A 166 10.66 -12.17 3.85
N TYR A 167 9.44 -11.67 3.71
CA TYR A 167 9.18 -10.58 2.79
C TYR A 167 9.84 -9.31 3.31
N TYR A 168 9.78 -9.09 4.62
CA TYR A 168 10.47 -7.95 5.20
C TYR A 168 11.95 -7.94 4.83
N LEU A 169 12.62 -9.07 5.02
CA LEU A 169 14.06 -9.11 4.76
C LEU A 169 14.36 -8.85 3.29
N GLU A 170 13.51 -9.36 2.42
CA GLU A 170 13.71 -9.16 0.99
C GLU A 170 13.64 -7.67 0.66
N LYS A 171 12.71 -6.97 1.28
CA LYS A 171 12.56 -5.55 1.01
C LYS A 171 13.68 -4.73 1.63
N ALA A 172 14.06 -5.08 2.84
CA ALA A 172 15.17 -4.42 3.52
C ALA A 172 16.48 -4.55 2.75
N ASN A 173 16.71 -5.73 2.19
CA ASN A 173 17.91 -5.98 1.39
C ASN A 173 17.89 -5.22 0.08
N LYS A 174 16.69 -5.00 -0.43
CA LYS A 174 16.52 -4.33 -1.72
C LYS A 174 16.78 -2.83 -1.61
N ILE A 175 16.06 -2.15 -0.73
CA ILE A 175 16.17 -0.70 -0.62
C ILE A 175 17.40 -0.29 0.18
N LYS A 176 17.57 -0.88 1.36
CA LYS A 176 18.73 -0.60 2.22
C LYS A 176 18.97 0.90 2.41
N SER A 177 17.91 1.70 2.27
CA SER A 177 18.01 3.14 2.49
C SER A 177 18.26 3.42 3.96
N GLU A 178 17.60 2.66 4.82
CA GLU A 178 17.83 2.69 6.26
C GLU A 178 17.33 3.98 6.90
N LYS A 179 16.75 4.86 6.11
CA LYS A 179 15.92 5.94 6.63
C LYS A 179 14.48 5.63 6.24
N THR A 180 14.30 4.84 5.18
CA THR A 180 12.97 4.45 4.74
C THR A 180 12.40 3.37 5.65
N HIS A 181 11.23 3.67 6.20
CA HIS A 181 10.56 2.76 7.13
C HIS A 181 9.78 1.70 6.33
N ILE A 182 9.87 0.44 6.74
CA ILE A 182 9.17 -0.65 6.08
C ILE A 182 8.04 -1.14 6.97
N HIS A 183 6.86 -1.33 6.37
CA HIS A 183 5.71 -1.88 7.10
C HIS A 183 5.04 -2.92 6.22
N ILE A 184 5.13 -4.17 6.63
CA ILE A 184 4.60 -5.31 5.89
C ILE A 184 3.30 -5.82 6.52
N PHE A 185 2.30 -6.04 5.69
CA PHE A 185 1.05 -6.71 6.04
C PHE A 185 0.97 -8.04 5.31
N SER A 186 0.46 -9.06 5.98
CA SER A 186 0.08 -10.30 5.29
C SER A 186 -1.43 -10.45 5.24
N PHE A 187 -1.90 -11.37 4.42
CA PHE A 187 -3.32 -11.64 4.29
C PHE A 187 -3.92 -12.40 5.46
N THR A 188 -3.07 -12.91 6.35
CA THR A 188 -3.57 -13.62 7.51
C THR A 188 -3.41 -12.82 8.83
N GLY A 189 -3.10 -11.52 8.71
CA GLY A 189 -3.12 -10.60 9.84
C GLY A 189 -1.79 -10.31 10.50
N GLU A 190 -0.75 -11.02 10.12
CA GLU A 190 0.59 -10.73 10.60
C GLU A 190 1.12 -9.42 10.04
N GLU A 191 1.95 -8.76 10.83
CA GLU A 191 2.64 -7.55 10.42
C GLU A 191 4.07 -7.59 10.87
N MET A 192 4.92 -6.88 10.14
CA MET A 192 6.29 -6.66 10.53
CA MET A 192 6.29 -6.65 10.54
C MET A 192 6.69 -5.27 10.10
N ALA A 193 7.30 -4.50 11.00
CA ALA A 193 7.72 -3.15 10.68
C ALA A 193 9.06 -2.86 11.29
N THR A 194 9.78 -1.97 10.61
CA THR A 194 11.10 -1.51 11.01
C THR A 194 11.10 -1.14 12.48
N LYS A 195 12.07 -1.70 13.21
CA LYS A 195 12.32 -1.38 14.62
C LYS A 195 11.09 -1.61 15.50
N ALA A 196 10.18 -2.47 15.04
CA ALA A 196 8.95 -2.77 15.75
C ALA A 196 8.15 -1.50 16.03
N ASP A 197 8.25 -0.58 15.08
CA ASP A 197 7.59 0.71 15.13
C ASP A 197 6.50 0.68 14.07
N TYR A 198 5.24 0.59 14.50
CA TYR A 198 4.14 0.27 13.59
C TYR A 198 3.37 1.49 13.07
N THR A 199 3.85 2.68 13.45
CA THR A 199 3.40 4.01 12.96
C THR A 199 1.97 4.37 13.35
N LEU A 200 1.04 3.50 13.02
CA LEU A 200 -0.39 3.74 13.24
C LEU A 200 -0.91 3.01 14.46
N ASP A 201 -2.03 3.52 14.95
CA ASP A 201 -2.83 2.89 15.98
C ASP A 201 -3.37 1.54 15.55
N GLU A 202 -3.78 0.73 16.50
CA GLU A 202 -4.33 -0.59 16.25
C GLU A 202 -5.56 -0.55 15.36
N GLU A 203 -6.47 0.40 15.59
CA GLU A 203 -7.71 0.46 14.82
C GLU A 203 -7.45 0.69 13.33
N SER A 204 -6.54 1.60 13.01
CA SER A 204 -6.21 1.86 11.61
C SER A 204 -5.66 0.61 10.92
N ARG A 205 -4.73 -0.05 11.59
CA ARG A 205 -4.14 -1.25 11.00
C ARG A 205 -5.17 -2.38 10.96
N ALA A 206 -6.10 -2.40 11.90
CA ALA A 206 -7.19 -3.38 11.88
C ALA A 206 -8.12 -3.18 10.67
N ARG A 207 -8.35 -1.94 10.26
CA ARG A 207 -9.15 -1.69 9.05
C ARG A 207 -8.49 -2.36 7.85
N ILE A 208 -7.17 -2.21 7.76
CA ILE A 208 -6.41 -2.78 6.64
C ILE A 208 -6.48 -4.30 6.69
N LYS A 209 -6.24 -4.89 7.86
CA LYS A 209 -6.25 -6.33 7.98
C LYS A 209 -7.63 -6.92 7.70
N THR A 210 -8.69 -6.22 8.09
CA THR A 210 -10.04 -6.65 7.82
C THR A 210 -10.27 -6.68 6.30
N ARG A 211 -9.81 -5.65 5.61
CA ARG A 211 -9.93 -5.58 4.16
C ARG A 211 -9.16 -6.71 3.48
N LEU A 212 -7.95 -7.00 3.94
CA LEU A 212 -7.19 -8.09 3.36
C LEU A 212 -7.87 -9.43 3.58
N PHE A 213 -8.43 -9.64 4.76
N PHE A 213 -8.42 -9.64 4.77
CA PHE A 213 -9.18 -10.86 5.03
CA PHE A 213 -9.18 -10.84 5.06
C PHE A 213 -10.36 -10.98 4.07
C PHE A 213 -10.34 -10.98 4.07
N THR A 214 -11.03 -9.87 3.81
CA THR A 214 -12.17 -9.85 2.89
C THR A 214 -11.74 -10.21 1.47
N ILE A 215 -10.62 -9.66 1.02
CA ILE A 215 -10.12 -9.95 -0.32
C ILE A 215 -9.83 -11.44 -0.45
N ARG A 216 -9.12 -12.00 0.52
CA ARG A 216 -8.78 -13.42 0.51
C ARG A 216 -10.03 -14.29 0.49
N GLN A 217 -11.00 -13.97 1.35
CA GLN A 217 -12.23 -14.75 1.43
C GLN A 217 -13.01 -14.72 0.12
N GLU A 218 -13.07 -13.55 -0.48
CA GLU A 218 -13.82 -13.40 -1.71
C GLU A 218 -13.10 -14.12 -2.85
N MET A 219 -11.77 -14.02 -2.89
CA MET A 219 -11.02 -14.77 -3.90
C MET A 219 -11.26 -16.27 -3.72
N ALA A 220 -11.25 -16.74 -2.49
CA ALA A 220 -11.42 -18.15 -2.24
C ALA A 220 -12.80 -18.64 -2.68
N SER A 221 -13.82 -17.80 -2.51
CA SER A 221 -15.17 -18.19 -2.91
C SER A 221 -15.24 -18.38 -4.42
N ARG A 222 -14.36 -17.70 -5.15
CA ARG A 222 -14.29 -17.78 -6.62
C ARG A 222 -13.22 -18.76 -7.10
N SER A 223 -12.64 -19.50 -6.16
CA SER A 223 -11.56 -20.44 -6.42
C SER A 223 -10.32 -19.80 -7.07
N LEU A 224 -10.04 -18.55 -6.69
CA LEU A 224 -8.88 -17.81 -7.18
C LEU A 224 -7.75 -17.69 -6.17
N TRP A 225 -8.01 -17.99 -4.91
CA TRP A 225 -7.04 -17.66 -3.87
C TRP A 225 -5.78 -18.53 -3.89
N ASP A 226 -5.94 -19.83 -4.06
CA ASP A 226 -4.79 -20.72 -3.96
C ASP A 226 -3.72 -20.31 -4.97
N SER A 227 -4.16 -20.08 -6.21
CA SER A 227 -3.26 -19.67 -7.28
C SER A 227 -2.65 -18.30 -7.07
N PHE A 228 -3.47 -17.35 -6.59
CA PHE A 228 -2.98 -16.02 -6.26
C PHE A 228 -1.90 -16.10 -5.20
N ARG A 229 -2.15 -16.88 -4.16
CA ARG A 229 -1.18 -17.04 -3.10
C ARG A 229 0.13 -17.64 -3.62
N GLN A 230 0.02 -18.71 -4.40
CA GLN A 230 1.19 -19.45 -4.84
C GLN A 230 2.01 -18.70 -5.89
N SER A 231 1.39 -17.71 -6.52
CA SER A 231 2.03 -16.97 -7.59
C SER A 231 3.08 -15.96 -7.12
N GLU A 232 3.06 -15.54 -5.85
CA GLU A 232 3.99 -14.50 -5.41
C GLU A 232 5.46 -14.89 -5.60
N ARG A 233 5.80 -16.13 -5.27
CA ARG A 233 7.11 -16.69 -5.66
C ARG A 233 8.26 -15.88 -5.07
MN MN B . 5.12 -0.98 -1.48
MN MN C . 5.59 1.55 -4.45
MN MN D . 3.09 1.60 -7.56
C12 MSR E . 1.53 4.43 -12.86
C13 MSR E . 1.37 5.21 -13.98
C14 MSR E . 0.31 6.12 -14.04
O17 MSR E . 0.17 6.90 -15.17
C15 MSR E . -0.56 6.24 -12.98
C16 MSR E . -0.41 5.44 -11.86
C11 MSR E . 0.65 4.55 -11.78
N3 MSR E . 0.81 3.76 -10.68
C4 MSR E . -0.16 3.04 -10.08
C5 MSR E . 0.41 2.37 -9.01
NFE MSR E . 1.72 2.70 -8.99
C2 MSR E . 1.95 3.56 -9.99
H12 MSR E . 2.26 3.78 -12.82
H13 MSR E . 1.98 5.13 -14.72
HO17 MSR E . -0.41 6.51 -15.72
H15 MSR E . -1.30 6.87 -13.03
H16 MSR E . -1.02 5.53 -11.11
H4 MSR E . -1.09 2.99 -10.36
H5 MSR E . -0.05 1.77 -8.40
H2 MSR E . 2.82 3.95 -10.22
S SO4 F . -1.16 -15.48 -14.18
O1 SO4 F . -2.42 -15.32 -14.91
O2 SO4 F . -0.04 -15.32 -15.12
O3 SO4 F . -1.06 -14.48 -13.12
O4 SO4 F . -1.09 -16.83 -13.61
C12 MSR G . 4.04 -2.77 -12.37
C13 MSR G . 4.11 -4.07 -12.86
C14 MSR G . 4.49 -5.11 -12.02
O17 MSR G . 4.58 -6.41 -12.47
C15 MSR G . 4.76 -4.84 -10.69
C16 MSR G . 4.67 -3.54 -10.21
C11 MSR G . 4.31 -2.51 -11.05
N3 MSR G . 4.23 -1.25 -10.56
C4 MSR G . 4.77 -0.14 -11.13
C5 MSR G . 4.47 0.93 -10.30
NFE MSR G . 3.79 0.44 -9.24
C2 MSR G . 3.64 -0.89 -9.40
H12 MSR G . 3.79 -2.05 -12.98
H13 MSR G . 3.93 -4.26 -13.79
HO17 MSR G . 5.41 -6.57 -12.71
H15 MSR G . 5.02 -5.56 -10.08
H16 MSR G . 4.86 -3.35 -9.28
H4 MSR G . 5.25 -0.11 -11.97
H5 MSR G . 4.73 1.86 -10.45
H2 MSR G . 3.18 -1.49 -8.79
MN MN H . -8.34 17.04 2.29
C1 EDO I . 2.33 -10.76 -8.05
O1 EDO I . 2.74 -10.43 -6.73
C2 EDO I . 2.72 -12.19 -8.40
O2 EDO I . 1.56 -12.97 -8.66
H11 EDO I . 1.25 -10.64 -8.14
H12 EDO I . 2.81 -10.07 -8.76
HO1 EDO I . 2.49 -9.52 -6.53
H21 EDO I . 3.28 -12.63 -7.57
H22 EDO I . 3.38 -12.19 -9.27
HO2 EDO I . 1.81 -13.88 -8.88
#